data_3VID
#
_entry.id   3VID
#
_cell.length_a   38.240
_cell.length_b   94.620
_cell.length_c   96.370
_cell.angle_alpha   90.00
_cell.angle_beta   90.00
_cell.angle_gamma   90.00
#
_symmetry.space_group_name_H-M   'P 21 21 21'
#
loop_
_entity.id
_entity.type
_entity.pdbx_description
1 polymer 'Vascular endothelial growth factor receptor 2'
2 non-polymer "4,5,6,11-tetrahydro-1H-pyrazolo[4',3':6,7]cyclohepta[1,2-b]indole"
3 water water
#
_entity_poly.entity_id   1
_entity_poly.type   'polypeptide(L)'
_entity_poly.pdbx_seq_one_letter_code
;LDEHCERLPYDASKWEFPRDRLKLGKPLGRGAFGQVIEADAFGIDKTATCRTVAVKMLKEGATHSEHRALMSELKILIHI
GHHLNVVNLLGACTKPGGPLMVIVEFCKFGNLSTYLRSKRNEFVPYKTKGARFRQGKDYVGAIPVDLKRRLDSITSSQSS
ASSGFVEEKSLSDVEEEEAPEDLYKDFLTLEHLICYSFQVAKGMEFLASRKCIHRDLAARNILLSEKNVVKICDFGLARD
IYKDPDYVRKGDARLPLKWMAPETIFDRVYTIQSDVWSFGVLLWEIFSLGASPYPGVKIDEEFCRRLKEGTRMRAPDYTT
PEMYQTMLDCWHGEPSQRPTFSELVEHLGNLLQANA
;
_entity_poly.pdbx_strand_id   A
#
# COMPACT_ATOMS: atom_id res chain seq x y z
N LEU A 1 -10.91 -8.16 -16.25
CA LEU A 1 -10.73 -9.10 -15.11
C LEU A 1 -11.78 -10.19 -15.13
N ASP A 2 -13.04 -9.78 -15.16
CA ASP A 2 -14.18 -10.67 -15.37
C ASP A 2 -13.99 -11.57 -16.60
N GLU A 3 -14.79 -12.64 -16.67
CA GLU A 3 -14.68 -13.66 -17.72
C GLU A 3 -13.34 -14.41 -17.67
N HIS A 4 -12.24 -13.67 -17.82
CA HIS A 4 -10.89 -14.22 -17.70
C HIS A 4 -10.68 -14.96 -16.37
N CYS A 5 -11.01 -14.30 -15.27
CA CYS A 5 -10.79 -14.85 -13.93
C CYS A 5 -11.70 -16.03 -13.57
N GLU A 6 -12.86 -16.09 -14.21
CA GLU A 6 -13.78 -17.21 -14.03
C GLU A 6 -13.19 -18.49 -14.67
N ARG A 7 -12.30 -18.29 -15.64
CA ARG A 7 -11.55 -19.37 -16.29
C ARG A 7 -10.22 -19.70 -15.59
N LEU A 8 -10.01 -19.19 -14.37
CA LEU A 8 -8.90 -19.59 -13.50
C LEU A 8 -9.42 -20.53 -12.42
N PRO A 9 -8.65 -21.58 -12.08
CA PRO A 9 -9.11 -22.57 -11.14
C PRO A 9 -9.03 -22.06 -9.70
N TYR A 10 -9.70 -22.76 -8.81
CA TYR A 10 -9.57 -22.52 -7.38
C TYR A 10 -9.22 -23.83 -6.69
N ASP A 11 -7.98 -23.95 -6.21
CA ASP A 11 -7.53 -25.17 -5.53
C ASP A 11 -7.95 -25.06 -4.07
N ALA A 12 -9.02 -25.76 -3.72
CA ALA A 12 -9.59 -25.70 -2.37
C ALA A 12 -8.70 -26.35 -1.32
N SER A 13 -7.98 -27.42 -1.68
CA SER A 13 -7.07 -28.06 -0.74
C SER A 13 -6.07 -27.06 -0.13
N LYS A 14 -5.49 -26.20 -0.96
CA LYS A 14 -4.49 -25.28 -0.46
C LYS A 14 -5.02 -23.92 0.07
N TRP A 15 -6.25 -23.54 -0.28
CA TRP A 15 -6.75 -22.21 0.12
C TRP A 15 -7.96 -22.24 1.05
N GLU A 16 -8.86 -23.19 0.86
CA GLU A 16 -10.10 -23.21 1.62
C GLU A 16 -9.85 -23.39 3.13
N PHE A 17 -10.56 -22.57 3.92
CA PHE A 17 -10.45 -22.52 5.37
C PHE A 17 -11.84 -22.64 5.96
N PRO A 18 -12.03 -23.46 7.00
CA PRO A 18 -13.41 -23.67 7.46
C PRO A 18 -13.96 -22.47 8.18
N ARG A 19 -15.23 -22.16 7.93
CA ARG A 19 -15.85 -20.97 8.51
C ARG A 19 -16.01 -21.10 10.01
N ASP A 20 -16.18 -22.33 10.50
CA ASP A 20 -16.34 -22.56 11.94
C ASP A 20 -15.05 -22.40 12.75
N ARG A 21 -13.93 -22.16 12.07
CA ARG A 21 -12.66 -21.75 12.70
C ARG A 21 -12.39 -20.25 12.57
N LEU A 22 -13.36 -19.49 12.05
CA LEU A 22 -13.23 -18.05 11.90
C LEU A 22 -14.24 -17.34 12.82
N LYS A 23 -13.75 -16.53 13.75
CA LYS A 23 -14.61 -15.71 14.61
C LYS A 23 -14.41 -14.23 14.28
N LEU A 24 -15.48 -13.58 13.83
CA LEU A 24 -15.45 -12.19 13.36
C LEU A 24 -15.59 -11.16 14.49
N GLY A 25 -14.85 -10.05 14.37
CA GLY A 25 -14.91 -8.95 15.34
C GLY A 25 -15.35 -7.65 14.67
N LYS A 26 -14.67 -6.56 15.00
CA LYS A 26 -15.10 -5.24 14.55
C LYS A 26 -14.58 -4.93 13.15
N PRO A 27 -15.34 -4.14 12.36
CA PRO A 27 -14.83 -3.70 11.06
C PRO A 27 -13.55 -2.86 11.14
N LEU A 28 -12.66 -3.05 10.17
CA LEU A 28 -11.44 -2.26 10.06
C LEU A 28 -11.58 -1.18 8.98
N GLY A 29 -12.37 -1.46 7.96
CA GLY A 29 -12.53 -0.56 6.82
C GLY A 29 -13.80 -0.83 6.06
N ARG A 30 -14.49 0.24 5.67
CA ARG A 30 -15.72 0.17 4.89
C ARG A 30 -15.42 0.68 3.49
N GLY A 31 -16.36 0.48 2.58
CA GLY A 31 -16.30 1.10 1.25
C GLY A 31 -17.68 1.07 0.65
N ALA A 32 -17.82 1.65 -0.54
CA ALA A 32 -19.09 1.58 -1.27
C ALA A 32 -19.33 0.17 -1.82
N PHE A 33 -18.25 -0.61 -1.94
CA PHE A 33 -18.30 -1.95 -2.54
C PHE A 33 -18.07 -3.13 -1.59
N GLY A 34 -17.79 -2.87 -0.31
CA GLY A 34 -17.45 -3.96 0.62
C GLY A 34 -16.65 -3.55 1.84
N GLN A 35 -16.34 -4.54 2.68
CA GLN A 35 -15.75 -4.32 4.00
C GLN A 35 -14.64 -5.30 4.35
N VAL A 36 -13.69 -4.82 5.15
CA VAL A 36 -12.64 -5.63 5.74
C VAL A 36 -12.93 -5.70 7.25
N ILE A 37 -13.12 -6.91 7.76
CA ILE A 37 -13.42 -7.13 9.17
C ILE A 37 -12.23 -7.82 9.86
N GLU A 38 -11.91 -7.37 11.07
CA GLU A 38 -10.88 -8.03 11.89
C GLU A 38 -11.48 -9.31 12.46
N ALA A 39 -10.68 -10.37 12.51
CA ALA A 39 -11.16 -11.68 12.93
C ALA A 39 -10.07 -12.51 13.57
N ASP A 40 -10.50 -13.49 14.38
CA ASP A 40 -9.60 -14.50 14.93
C ASP A 40 -9.77 -15.79 14.14
N ALA A 41 -8.66 -16.39 13.75
CA ALA A 41 -8.67 -17.63 12.99
C ALA A 41 -7.78 -18.67 13.68
N PHE A 42 -8.30 -19.86 13.92
CA PHE A 42 -7.50 -20.94 14.51
C PHE A 42 -6.90 -21.83 13.42
N GLY A 43 -5.58 -21.96 13.43
CA GLY A 43 -4.87 -22.90 12.57
C GLY A 43 -4.72 -22.49 11.11
N ILE A 44 -4.84 -21.20 10.81
CA ILE A 44 -4.74 -20.71 9.44
C ILE A 44 -3.35 -20.93 8.85
N ASP A 45 -2.34 -21.07 9.70
CA ASP A 45 -0.99 -21.42 9.22
C ASP A 45 -0.53 -22.79 9.69
N LYS A 46 -1.48 -23.69 9.95
CA LYS A 46 -1.21 -25.11 10.27
C LYS A 46 -0.75 -25.39 11.72
N THR A 47 -0.19 -24.40 12.38
CA THR A 47 0.19 -24.56 13.79
C THR A 47 -1.07 -24.44 14.65
N ALA A 48 -0.99 -24.85 15.91
CA ALA A 48 -2.16 -24.82 16.81
C ALA A 48 -2.36 -23.46 17.50
N THR A 49 -2.32 -22.37 16.72
CA THR A 49 -2.47 -21.03 17.27
C THR A 49 -3.71 -20.30 16.72
N CYS A 50 -4.35 -19.51 17.59
CA CYS A 50 -5.33 -18.51 17.18
C CYS A 50 -4.58 -17.25 16.72
N ARG A 51 -4.81 -16.83 15.48
CA ARG A 51 -4.11 -15.69 14.89
C ARG A 51 -5.12 -14.66 14.40
N THR A 52 -4.76 -13.38 14.52
CA THR A 52 -5.62 -12.29 14.11
C THR A 52 -5.41 -12.08 12.62
N VAL A 53 -6.52 -12.01 11.88
CA VAL A 53 -6.48 -11.88 10.43
C VAL A 53 -7.47 -10.80 9.96
N ALA A 54 -7.41 -10.47 8.68
CA ALA A 54 -8.31 -9.50 8.08
C ALA A 54 -9.17 -10.20 7.03
N VAL A 55 -10.46 -9.95 7.08
CA VAL A 55 -11.39 -10.65 6.21
C VAL A 55 -12.12 -9.67 5.31
N LYS A 56 -11.89 -9.81 4.00
CA LYS A 56 -12.64 -9.09 2.99
C LYS A 56 -13.93 -9.85 2.77
N MET A 57 -15.05 -9.14 2.80
CA MET A 57 -16.33 -9.74 2.48
C MET A 57 -17.28 -8.69 1.92
N LEU A 58 -18.40 -9.15 1.37
CA LEU A 58 -19.36 -8.27 0.72
C LEU A 58 -20.24 -7.59 1.75
N LYS A 59 -20.70 -6.39 1.44
CA LYS A 59 -21.62 -5.68 2.30
C LYS A 59 -22.98 -6.34 2.18
N GLU A 60 -23.89 -5.92 3.06
CA GLU A 60 -25.28 -6.32 2.97
C GLU A 60 -25.86 -5.54 1.78
N GLY A 61 -26.57 -6.23 0.90
CA GLY A 61 -27.12 -5.62 -0.32
C GLY A 61 -26.23 -5.70 -1.54
N ALA A 62 -25.04 -6.29 -1.40
CA ALA A 62 -24.11 -6.47 -2.53
C ALA A 62 -24.71 -7.34 -3.63
N THR A 63 -24.35 -7.04 -4.87
CA THR A 63 -24.98 -7.65 -6.05
C THR A 63 -24.19 -8.89 -6.56
N HIS A 64 -24.55 -9.37 -7.74
CA HIS A 64 -23.81 -10.43 -8.42
C HIS A 64 -22.47 -9.93 -8.95
N SER A 65 -22.45 -8.70 -9.45
CA SER A 65 -21.22 -8.10 -9.98
C SER A 65 -20.17 -7.91 -8.89
N GLU A 66 -20.62 -7.66 -7.67
CA GLU A 66 -19.71 -7.41 -6.54
C GLU A 66 -19.17 -8.73 -5.98
N HIS A 67 -19.94 -9.81 -6.17
CA HIS A 67 -19.49 -11.16 -5.83
C HIS A 67 -18.43 -11.63 -6.84
N ARG A 68 -18.69 -11.41 -8.13
CA ARG A 68 -17.69 -11.65 -9.17
C ARG A 68 -16.42 -10.84 -8.91
N ALA A 69 -16.59 -9.58 -8.49
CA ALA A 69 -15.45 -8.69 -8.25
C ALA A 69 -14.56 -9.20 -7.12
N LEU A 70 -15.16 -9.69 -6.05
CA LEU A 70 -14.40 -10.27 -4.93
C LEU A 70 -13.72 -11.60 -5.32
N MET A 71 -14.41 -12.41 -6.12
CA MET A 71 -13.85 -13.70 -6.58
C MET A 71 -12.72 -13.49 -7.56
N SER A 72 -12.81 -12.47 -8.43
CA SER A 72 -11.65 -12.09 -9.26
C SER A 72 -10.49 -11.68 -8.37
N GLU A 73 -10.75 -10.84 -7.37
CA GLU A 73 -9.70 -10.38 -6.48
C GLU A 73 -8.98 -11.56 -5.79
N LEU A 74 -9.75 -12.58 -5.40
CA LEU A 74 -9.23 -13.82 -4.80
C LEU A 74 -8.27 -14.56 -5.75
N LYS A 75 -8.68 -14.69 -7.02
CA LYS A 75 -7.89 -15.40 -8.03
C LYS A 75 -6.62 -14.64 -8.42
N ILE A 76 -6.68 -13.31 -8.35
CA ILE A 76 -5.52 -12.46 -8.58
C ILE A 76 -4.52 -12.57 -7.42
N LEU A 77 -5.02 -12.63 -6.19
CA LEU A 77 -4.15 -12.89 -5.05
C LEU A 77 -3.49 -14.29 -5.11
N ILE A 78 -4.23 -15.31 -5.56
CA ILE A 78 -3.64 -16.61 -5.80
C ILE A 78 -2.55 -16.49 -6.86
N HIS A 79 -2.88 -15.86 -7.99
CA HIS A 79 -1.92 -15.63 -9.07
C HIS A 79 -0.66 -14.89 -8.60
N ILE A 80 -0.85 -13.75 -7.97
CA ILE A 80 0.29 -12.93 -7.53
C ILE A 80 1.22 -13.76 -6.63
N GLY A 81 0.67 -14.40 -5.61
CA GLY A 81 1.47 -15.26 -4.74
C GLY A 81 2.16 -14.47 -3.64
N HIS A 82 3.02 -15.14 -2.87
CA HIS A 82 3.51 -14.62 -1.60
C HIS A 82 4.76 -13.73 -1.69
N HIS A 83 4.72 -12.59 -1.01
CA HIS A 83 5.92 -11.80 -0.72
C HIS A 83 5.76 -11.11 0.66
N LEU A 84 6.88 -10.90 1.34
CA LEU A 84 6.89 -10.23 2.66
C LEU A 84 6.25 -8.83 2.64
N ASN A 85 6.38 -8.11 1.53
CA ASN A 85 5.99 -6.70 1.44
C ASN A 85 4.71 -6.42 0.65
N VAL A 86 3.88 -7.44 0.48
CA VAL A 86 2.48 -7.26 0.06
C VAL A 86 1.57 -7.89 1.11
N VAL A 87 0.33 -7.39 1.19
CA VAL A 87 -0.68 -7.97 2.03
C VAL A 87 -1.05 -9.31 1.40
N ASN A 88 -0.61 -10.40 2.03
CA ASN A 88 -0.74 -11.72 1.44
C ASN A 88 -2.06 -12.40 1.74
N LEU A 89 -2.52 -13.18 0.78
CA LEU A 89 -3.61 -14.11 0.95
C LEU A 89 -3.23 -15.23 1.92
N LEU A 90 -4.12 -15.53 2.87
CA LEU A 90 -3.94 -16.66 3.80
C LEU A 90 -4.95 -17.77 3.54
N GLY A 91 -6.14 -17.43 3.08
CA GLY A 91 -7.14 -18.44 2.79
C GLY A 91 -8.43 -17.81 2.32
N ALA A 92 -9.39 -18.65 1.93
CA ALA A 92 -10.70 -18.19 1.49
C ALA A 92 -11.81 -19.09 2.01
N CYS A 93 -13.01 -18.52 2.16
CA CYS A 93 -14.22 -19.29 2.41
C CYS A 93 -15.19 -19.14 1.22
N THR A 94 -15.34 -20.20 0.44
CA THR A 94 -16.10 -20.12 -0.84
C THR A 94 -17.24 -21.12 -1.00
N LYS A 95 -17.20 -22.25 -0.31
CA LYS A 95 -18.18 -23.33 -0.51
C LYS A 95 -19.56 -22.90 0.02
N PRO A 96 -20.61 -23.69 -0.27
CA PRO A 96 -21.93 -23.37 0.32
C PRO A 96 -21.95 -23.53 1.84
N GLY A 97 -22.81 -22.77 2.52
CA GLY A 97 -22.93 -22.79 3.99
C GLY A 97 -22.51 -21.51 4.70
N GLY A 98 -22.22 -20.47 3.92
CA GLY A 98 -21.87 -19.17 4.49
C GLY A 98 -21.50 -18.15 3.44
N PRO A 99 -21.16 -16.92 3.88
CA PRO A 99 -20.76 -15.87 2.96
C PRO A 99 -19.37 -16.08 2.38
N LEU A 100 -19.12 -15.47 1.22
CA LEU A 100 -17.81 -15.45 0.59
C LEU A 100 -16.87 -14.59 1.44
N MET A 101 -15.71 -15.15 1.80
CA MET A 101 -14.76 -14.48 2.66
C MET A 101 -13.35 -14.74 2.17
N VAL A 102 -12.60 -13.67 1.96
CA VAL A 102 -11.22 -13.74 1.48
C VAL A 102 -10.36 -13.26 2.64
N ILE A 103 -9.50 -14.13 3.13
CA ILE A 103 -8.75 -13.90 4.37
C ILE A 103 -7.33 -13.49 4.02
N VAL A 104 -6.91 -12.34 4.57
CA VAL A 104 -5.57 -11.82 4.33
C VAL A 104 -4.87 -11.45 5.62
N GLU A 105 -3.60 -11.07 5.50
CA GLU A 105 -2.79 -10.65 6.63
C GLU A 105 -3.31 -9.38 7.30
N PHE A 106 -3.42 -9.43 8.62
CA PHE A 106 -3.74 -8.26 9.46
C PHE A 106 -2.46 -7.45 9.70
N CYS A 107 -2.57 -6.14 9.52
CA CYS A 107 -1.48 -5.19 9.82
C CYS A 107 -2.03 -4.25 10.90
N LYS A 108 -1.54 -4.44 12.12
CA LYS A 108 -2.17 -3.86 13.30
C LYS A 108 -2.05 -2.34 13.45
N PHE A 109 -1.01 -1.75 12.86
CA PHE A 109 -0.76 -0.32 13.03
C PHE A 109 -1.42 0.55 11.96
N GLY A 110 -2.05 -0.09 10.98
CA GLY A 110 -2.81 0.61 9.97
C GLY A 110 -1.90 1.25 8.94
N ASN A 111 -2.45 2.18 8.17
CA ASN A 111 -1.76 2.71 7.00
C ASN A 111 -0.56 3.61 7.35
N LEU A 112 0.41 3.67 6.44
CA LEU A 112 1.67 4.33 6.75
C LEU A 112 1.54 5.86 6.88
N SER A 113 0.60 6.46 6.16
CA SER A 113 0.42 7.92 6.18
C SER A 113 -0.06 8.42 7.53
N THR A 114 -1.10 7.79 8.08
CA THR A 114 -1.60 8.17 9.40
C THR A 114 -0.59 7.84 10.49
N TYR A 115 0.10 6.72 10.37
CA TYR A 115 1.12 6.39 11.34
C TYR A 115 2.22 7.44 11.38
N LEU A 116 2.78 7.79 10.23
CA LEU A 116 3.91 8.72 10.17
C LEU A 116 3.53 10.11 10.67
N ARG A 117 2.35 10.55 10.24
CA ARG A 117 1.81 11.84 10.67
C ARG A 117 1.71 11.89 12.19
N SER A 118 1.43 10.75 12.82
CA SER A 118 1.29 10.67 14.27
C SER A 118 2.61 10.56 15.03
N LYS A 119 3.75 10.71 14.33
CA LYS A 119 5.07 10.59 14.94
C LYS A 119 5.97 11.83 14.74
N ARG A 120 5.39 12.95 14.33
CA ARG A 120 6.19 14.15 14.08
C ARG A 120 6.89 14.74 15.30
N ASN A 121 6.38 14.41 16.49
CA ASN A 121 6.99 14.80 17.76
C ASN A 121 7.80 13.66 18.39
N GLU A 122 7.91 12.55 17.67
CA GLU A 122 8.81 11.45 18.06
C GLU A 122 9.64 11.05 16.85
N PHE A 123 10.47 11.99 16.41
CA PHE A 123 11.37 11.79 15.28
C PHE A 123 12.71 12.43 15.55
N VAL A 124 13.78 11.67 15.33
CA VAL A 124 15.14 12.22 15.34
C VAL A 124 15.91 11.60 14.16
N PRO A 125 16.74 12.39 13.46
CA PRO A 125 17.46 11.81 12.32
C PRO A 125 18.28 10.58 12.72
N TYR A 126 19.14 10.74 13.72
CA TYR A 126 19.89 9.62 14.29
C TYR A 126 19.76 9.66 15.80
N LYS A 127 19.63 8.48 16.40
CA LYS A 127 19.44 8.33 17.84
C LYS A 127 20.65 8.79 18.64
N GLU A 178 20.92 11.45 19.39
CA GLU A 178 22.35 11.57 19.56
C GLU A 178 22.82 10.76 20.77
N ALA A 179 22.53 11.26 21.96
CA ALA A 179 22.99 10.66 23.22
C ALA A 179 22.38 9.26 23.47
N PRO A 180 22.73 8.61 24.60
CA PRO A 180 22.33 7.23 24.90
C PRO A 180 21.05 6.75 24.19
N GLU A 181 21.22 5.75 23.32
CA GLU A 181 20.19 5.35 22.36
C GLU A 181 18.95 4.73 23.04
N ASP A 182 19.07 4.44 24.33
CA ASP A 182 17.99 3.88 25.13
C ASP A 182 16.86 4.91 25.32
N LEU A 183 17.23 6.18 25.47
CA LEU A 183 16.28 7.25 25.77
C LEU A 183 15.40 7.62 24.59
N TYR A 184 15.91 7.43 23.37
CA TYR A 184 15.11 7.61 22.16
C TYR A 184 14.47 6.29 21.73
N LYS A 185 13.88 5.58 22.68
CA LYS A 185 13.10 4.38 22.35
C LYS A 185 11.78 4.83 21.75
N ASP A 186 11.27 4.07 20.80
CA ASP A 186 9.99 4.35 20.10
C ASP A 186 10.04 5.55 19.11
N PHE A 187 11.17 6.24 19.03
CA PHE A 187 11.32 7.35 18.05
C PHE A 187 11.49 6.79 16.64
N LEU A 188 10.91 7.50 15.67
CA LEU A 188 11.23 7.26 14.27
C LEU A 188 12.55 7.95 13.94
N THR A 189 13.28 7.38 12.99
CA THR A 189 14.58 7.91 12.58
C THR A 189 14.76 7.75 11.08
N LEU A 190 15.81 8.36 10.51
CA LEU A 190 16.06 8.23 9.07
C LEU A 190 16.12 6.78 8.63
N GLU A 191 16.69 5.92 9.48
CA GLU A 191 16.77 4.47 9.21
C GLU A 191 15.39 3.85 8.96
N HIS A 192 14.40 4.23 9.77
CA HIS A 192 13.02 3.78 9.60
C HIS A 192 12.43 4.21 8.27
N LEU A 193 12.61 5.49 7.94
CA LEU A 193 11.97 6.07 6.76
C LEU A 193 12.57 5.48 5.49
N ILE A 194 13.89 5.26 5.48
CA ILE A 194 14.57 4.66 4.32
C ILE A 194 14.25 3.16 4.28
N CYS A 195 14.08 2.55 5.45
CA CYS A 195 13.67 1.15 5.56
C CYS A 195 12.25 0.96 5.03
N TYR A 196 11.30 1.82 5.40
CA TYR A 196 9.96 1.76 4.80
C TYR A 196 10.02 1.92 3.27
N SER A 197 10.93 2.78 2.81
CA SER A 197 11.10 3.02 1.37
C SER A 197 11.59 1.79 0.62
N PHE A 198 12.72 1.25 1.06
CA PHE A 198 13.31 0.06 0.47
C PHE A 198 12.28 -1.07 0.40
N GLN A 199 11.57 -1.26 1.50
CA GLN A 199 10.59 -2.32 1.58
C GLN A 199 9.50 -2.20 0.53
N VAL A 200 8.98 -0.99 0.32
CA VAL A 200 7.92 -0.82 -0.70
C VAL A 200 8.47 -1.06 -2.12
N ALA A 201 9.72 -0.67 -2.32
CA ALA A 201 10.39 -0.90 -3.60
C ALA A 201 10.57 -2.40 -3.86
N LYS A 202 10.87 -3.18 -2.82
CA LYS A 202 10.87 -4.65 -2.91
C LYS A 202 9.49 -5.19 -3.29
N GLY A 203 8.46 -4.73 -2.59
CA GLY A 203 7.10 -5.16 -2.87
C GLY A 203 6.72 -4.93 -4.32
N MET A 204 7.11 -3.77 -4.85
CA MET A 204 6.75 -3.36 -6.21
C MET A 204 7.59 -4.07 -7.26
N GLU A 205 8.86 -4.28 -6.97
CA GLU A 205 9.68 -5.16 -7.80
C GLU A 205 9.00 -6.54 -7.94
N PHE A 206 8.54 -7.08 -6.83
CA PHE A 206 7.84 -8.36 -6.87
C PHE A 206 6.57 -8.26 -7.71
N LEU A 207 5.75 -7.24 -7.44
CA LEU A 207 4.51 -7.06 -8.20
C LEU A 207 4.79 -6.89 -9.68
N ALA A 208 5.85 -6.17 -10.03
CA ALA A 208 6.25 -6.01 -11.44
C ALA A 208 6.58 -7.35 -12.09
N SER A 209 7.29 -8.21 -11.35
CA SER A 209 7.71 -9.51 -11.86
C SER A 209 6.54 -10.48 -12.05
N ARG A 210 5.40 -10.20 -11.42
CA ARG A 210 4.14 -10.93 -11.70
C ARG A 210 3.31 -10.23 -12.78
N LYS A 211 3.95 -9.35 -13.54
CA LYS A 211 3.29 -8.40 -14.46
C LYS A 211 2.04 -7.71 -13.91
N CYS A 212 2.10 -7.29 -12.65
CA CYS A 212 1.00 -6.54 -12.05
C CYS A 212 1.27 -5.05 -12.06
N ILE A 213 0.17 -4.29 -12.02
CA ILE A 213 0.23 -2.85 -11.97
C ILE A 213 -0.67 -2.42 -10.81
N HIS A 214 -0.15 -1.58 -9.93
CA HIS A 214 -0.91 -1.14 -8.77
C HIS A 214 -1.94 -0.07 -9.14
N ARG A 215 -1.50 0.97 -9.85
CA ARG A 215 -2.34 2.09 -10.30
C ARG A 215 -2.68 3.18 -9.26
N ASP A 216 -2.44 2.91 -7.97
CA ASP A 216 -2.75 3.87 -6.90
C ASP A 216 -1.75 3.71 -5.75
N LEU A 217 -0.49 3.87 -6.05
CA LEU A 217 0.58 3.63 -5.10
C LEU A 217 0.74 4.86 -4.24
N ALA A 218 0.35 4.75 -2.97
CA ALA A 218 0.38 5.88 -2.07
C ALA A 218 0.50 5.35 -0.66
N ALA A 219 0.89 6.20 0.28
CA ALA A 219 1.10 5.77 1.65
C ALA A 219 -0.18 5.30 2.32
N ARG A 220 -1.34 5.80 1.88
CA ARG A 220 -2.63 5.32 2.39
C ARG A 220 -2.76 3.81 2.16
N ASN A 221 -2.18 3.32 1.07
CA ASN A 221 -2.29 1.91 0.68
C ASN A 221 -1.09 1.07 1.14
N ILE A 222 -0.26 1.64 2.02
CA ILE A 222 0.83 0.91 2.62
C ILE A 222 0.40 0.64 4.05
N LEU A 223 0.46 -0.64 4.47
CA LEU A 223 0.04 -1.01 5.81
C LEU A 223 1.26 -1.42 6.62
N LEU A 224 1.21 -1.13 7.92
CA LEU A 224 2.32 -1.38 8.83
C LEU A 224 1.94 -2.45 9.83
N SER A 225 2.76 -3.49 9.91
CA SER A 225 2.54 -4.56 10.86
C SER A 225 3.64 -4.47 11.90
N GLU A 226 3.91 -5.54 12.62
CA GLU A 226 4.90 -5.51 13.70
C GLU A 226 6.32 -5.54 13.16
N LYS A 227 7.30 -5.28 14.03
CA LYS A 227 8.72 -5.21 13.66
C LYS A 227 8.99 -4.30 12.46
N ASN A 228 8.22 -3.23 12.32
CA ASN A 228 8.41 -2.23 11.26
C ASN A 228 8.37 -2.77 9.84
N VAL A 229 7.61 -3.85 9.66
CA VAL A 229 7.40 -4.45 8.34
C VAL A 229 6.22 -3.72 7.71
N VAL A 230 6.41 -3.28 6.47
CA VAL A 230 5.36 -2.58 5.74
C VAL A 230 4.97 -3.39 4.52
N LYS A 231 3.72 -3.25 4.14
CA LYS A 231 3.10 -4.10 3.13
C LYS A 231 2.18 -3.29 2.24
N ILE A 232 2.27 -3.57 0.93
CA ILE A 232 1.44 -2.92 -0.07
C ILE A 232 0.10 -3.66 -0.21
N CYS A 233 -0.99 -2.90 -0.23
CA CYS A 233 -2.32 -3.42 -0.52
C CYS A 233 -2.97 -2.60 -1.61
N ASP A 234 -4.07 -3.11 -2.15
CA ASP A 234 -4.94 -2.33 -3.04
C ASP A 234 -6.39 -2.52 -2.61
N TYR A 242 -17.39 5.91 0.67
CA TYR A 242 -17.37 7.28 1.17
C TYR A 242 -18.20 7.39 2.45
N LYS A 243 -17.53 7.69 3.57
CA LYS A 243 -18.21 7.80 4.86
C LYS A 243 -19.11 9.03 4.89
N ASP A 244 -20.15 8.98 5.71
CA ASP A 244 -21.06 10.11 5.82
C ASP A 244 -20.29 11.35 6.31
N PRO A 245 -20.57 12.53 5.71
CA PRO A 245 -19.84 13.76 6.02
C PRO A 245 -19.96 14.30 7.45
N ASP A 246 -20.89 13.76 8.24
CA ASP A 246 -21.00 14.12 9.66
C ASP A 246 -19.72 13.80 10.43
N TYR A 247 -19.11 12.65 10.11
CA TYR A 247 -17.95 12.13 10.85
C TYR A 247 -16.62 12.25 10.10
N VAL A 248 -16.58 13.06 9.04
CA VAL A 248 -15.31 13.31 8.33
C VAL A 248 -14.51 14.40 9.02
N ARG A 249 -13.23 14.14 9.23
CA ARG A 249 -12.29 15.12 9.76
C ARG A 249 -11.24 15.37 8.68
N LYS A 250 -10.43 16.40 8.85
CA LYS A 250 -9.28 16.64 7.96
C LYS A 250 -8.36 15.42 7.97
N GLY A 251 -7.75 15.15 6.81
CA GLY A 251 -6.83 14.02 6.67
C GLY A 251 -7.50 12.70 6.31
N ASP A 252 -8.82 12.63 6.45
CA ASP A 252 -9.55 11.38 6.17
C ASP A 252 -9.33 10.91 4.75
N ALA A 253 -9.25 11.86 3.81
CA ALA A 253 -9.18 11.56 2.38
C ALA A 253 -7.97 12.20 1.71
N ARG A 254 -7.81 11.89 0.44
CA ARG A 254 -6.74 12.44 -0.37
C ARG A 254 -7.19 12.46 -1.83
N LEU A 255 -6.55 13.31 -2.64
CA LEU A 255 -6.85 13.45 -4.05
C LEU A 255 -5.88 12.57 -4.85
N PRO A 256 -6.37 11.46 -5.44
CA PRO A 256 -5.48 10.54 -6.16
C PRO A 256 -4.83 11.10 -7.43
N LEU A 257 -5.33 12.21 -7.95
CA LEU A 257 -4.67 12.87 -9.08
C LEU A 257 -3.24 13.29 -8.68
N LYS A 258 -3.03 13.60 -7.39
CA LYS A 258 -1.71 14.06 -6.91
C LYS A 258 -0.62 12.99 -6.90
N TRP A 259 -0.99 11.76 -7.26
CA TRP A 259 -0.04 10.65 -7.36
C TRP A 259 0.10 10.13 -8.79
N MET A 260 -0.61 10.75 -9.73
CA MET A 260 -0.68 10.26 -11.11
C MET A 260 0.39 10.87 -12.01
N ALA A 261 1.11 9.99 -12.70
CA ALA A 261 2.11 10.38 -13.69
C ALA A 261 1.51 11.29 -14.76
N PRO A 262 2.34 12.18 -15.35
CA PRO A 262 1.83 13.07 -16.40
C PRO A 262 1.17 12.32 -17.56
N GLU A 263 1.71 11.17 -17.96
CA GLU A 263 1.15 10.44 -19.10
C GLU A 263 -0.18 9.78 -18.75
N THR A 264 -0.36 9.44 -17.47
CA THR A 264 -1.64 8.93 -16.96
C THR A 264 -2.70 10.04 -16.81
N ILE A 265 -2.30 11.24 -16.41
CA ILE A 265 -3.23 12.36 -16.31
C ILE A 265 -3.86 12.65 -17.68
N PHE A 266 -3.00 12.85 -18.67
CA PHE A 266 -3.43 13.24 -20.00
C PHE A 266 -3.92 12.06 -20.82
N ASP A 267 -3.07 11.05 -20.97
CA ASP A 267 -3.36 9.91 -21.86
C ASP A 267 -4.09 8.76 -21.15
N ARG A 268 -4.22 8.86 -19.83
CA ARG A 268 -4.95 7.88 -19.03
C ARG A 268 -4.48 6.43 -19.19
N VAL A 269 -3.17 6.27 -19.36
CA VAL A 269 -2.55 4.95 -19.46
C VAL A 269 -1.74 4.67 -18.21
N TYR A 270 -1.99 3.53 -17.57
CA TYR A 270 -1.20 3.08 -16.42
C TYR A 270 -0.20 2.01 -16.87
N THR A 271 1.08 2.21 -16.54
CA THR A 271 2.13 1.18 -16.71
C THR A 271 3.01 1.12 -15.47
N ILE A 272 3.89 0.13 -15.40
CA ILE A 272 4.73 -0.05 -14.20
C ILE A 272 5.64 1.17 -13.95
N GLN A 273 5.99 1.88 -15.01
CA GLN A 273 6.75 3.11 -14.91
C GLN A 273 5.91 4.30 -14.46
N SER A 274 4.59 4.27 -14.67
CA SER A 274 3.71 5.25 -14.03
C SER A 274 3.61 4.98 -12.52
N ASP A 275 3.73 3.70 -12.11
CA ASP A 275 3.89 3.34 -10.69
C ASP A 275 5.21 3.91 -10.13
N VAL A 276 6.26 4.00 -10.95
CA VAL A 276 7.54 4.54 -10.46
C VAL A 276 7.38 6.03 -10.11
N TRP A 277 6.66 6.77 -10.94
CA TRP A 277 6.27 8.16 -10.61
C TRP A 277 5.50 8.21 -9.31
N SER A 278 4.52 7.33 -9.16
CA SER A 278 3.74 7.27 -7.91
C SER A 278 4.65 6.95 -6.73
N PHE A 279 5.53 5.98 -6.89
CA PHE A 279 6.52 5.67 -5.84
C PHE A 279 7.29 6.92 -5.41
N GLY A 280 7.64 7.77 -6.39
CA GLY A 280 8.26 9.05 -6.12
C GLY A 280 7.46 9.95 -5.19
N VAL A 281 6.17 10.12 -5.46
CA VAL A 281 5.29 10.90 -4.59
C VAL A 281 5.13 10.24 -3.21
N LEU A 282 5.09 8.90 -3.20
CA LEU A 282 5.06 8.13 -1.95
C LEU A 282 6.30 8.39 -1.12
N LEU A 283 7.46 8.47 -1.77
CA LEU A 283 8.69 8.83 -1.06
C LEU A 283 8.52 10.17 -0.38
N TRP A 284 7.93 11.15 -1.08
CA TRP A 284 7.70 12.48 -0.52
C TRP A 284 6.79 12.43 0.71
N GLU A 285 5.74 11.62 0.66
CA GLU A 285 4.90 11.41 1.84
C GLU A 285 5.70 10.90 3.02
N ILE A 286 6.58 9.93 2.76
CA ILE A 286 7.38 9.36 3.82
C ILE A 286 8.28 10.43 4.45
N PHE A 287 9.00 11.19 3.63
CA PHE A 287 10.01 12.10 4.15
C PHE A 287 9.46 13.50 4.47
N SER A 288 8.14 13.63 4.39
CA SER A 288 7.41 14.74 5.00
C SER A 288 6.63 14.25 6.23
N LEU A 289 6.84 12.99 6.61
CA LEU A 289 6.06 12.32 7.65
C LEU A 289 4.54 12.43 7.45
N GLY A 290 4.07 12.09 6.26
CA GLY A 290 2.64 11.93 6.00
C GLY A 290 1.87 13.19 5.68
N ALA A 291 2.51 14.14 5.01
CA ALA A 291 1.81 15.32 4.48
C ALA A 291 1.15 14.96 3.15
N SER A 292 0.17 15.76 2.73
CA SER A 292 -0.41 15.62 1.40
C SER A 292 0.51 16.27 0.35
N PRO A 293 0.72 15.62 -0.80
CA PRO A 293 1.55 16.21 -1.86
C PRO A 293 1.00 17.54 -2.37
N TYR A 294 1.88 18.35 -2.96
CA TYR A 294 1.54 19.67 -3.50
C TYR A 294 0.67 20.51 -2.54
N PRO A 295 1.26 20.95 -1.42
CA PRO A 295 0.56 21.71 -0.39
C PRO A 295 -0.13 22.97 -0.91
N GLY A 296 -1.40 23.14 -0.59
CA GLY A 296 -2.16 24.33 -0.98
C GLY A 296 -2.23 24.63 -2.48
N VAL A 297 -1.71 23.72 -3.29
CA VAL A 297 -1.75 23.87 -4.75
C VAL A 297 -3.13 23.41 -5.24
N LYS A 298 -3.63 24.09 -6.26
CA LYS A 298 -4.90 23.74 -6.88
C LYS A 298 -4.61 22.75 -8.00
N ILE A 299 -5.29 21.60 -7.99
CA ILE A 299 -5.07 20.56 -8.99
C ILE A 299 -6.10 20.73 -10.12
N ASP A 300 -5.78 21.64 -11.04
CA ASP A 300 -6.65 21.96 -12.18
C ASP A 300 -5.89 21.68 -13.49
N GLU A 301 -6.39 22.23 -14.61
CA GLU A 301 -5.78 21.96 -15.93
C GLU A 301 -4.36 22.53 -16.07
N GLU A 302 -4.08 23.66 -15.40
CA GLU A 302 -2.77 24.30 -15.48
C GLU A 302 -1.72 23.59 -14.61
N PHE A 303 -2.17 22.99 -13.49
CA PHE A 303 -1.28 22.16 -12.68
C PHE A 303 -0.78 21.01 -13.54
N CYS A 304 -1.72 20.33 -14.20
CA CYS A 304 -1.40 19.25 -15.11
C CYS A 304 -0.50 19.72 -16.26
N ARG A 305 -0.72 20.95 -16.73
CA ARG A 305 0.14 21.54 -17.76
C ARG A 305 1.56 21.72 -17.23
N ARG A 306 1.68 22.31 -16.05
CA ARG A 306 2.97 22.56 -15.43
C ARG A 306 3.74 21.29 -15.06
N LEU A 307 3.03 20.23 -14.67
CA LEU A 307 3.65 18.92 -14.39
C LEU A 307 4.40 18.42 -15.62
N LYS A 308 3.71 18.41 -16.76
CA LYS A 308 4.27 17.93 -18.02
C LYS A 308 5.44 18.82 -18.48
N GLU A 309 5.37 20.11 -18.19
CA GLU A 309 6.46 21.04 -18.53
C GLU A 309 7.74 20.78 -17.73
N GLY A 310 7.60 20.27 -16.50
CA GLY A 310 8.74 19.95 -15.63
C GLY A 310 8.68 20.47 -14.20
N THR A 311 7.57 21.07 -13.79
CA THR A 311 7.38 21.53 -12.42
C THR A 311 7.28 20.35 -11.47
N ARG A 312 7.88 20.50 -10.29
CA ARG A 312 8.06 19.41 -9.35
C ARG A 312 7.97 19.91 -7.92
N MET A 313 7.50 19.04 -7.01
CA MET A 313 7.47 19.36 -5.58
C MET A 313 8.85 19.69 -5.01
N ARG A 314 8.89 20.63 -4.07
CA ARG A 314 10.11 20.92 -3.31
C ARG A 314 10.40 19.80 -2.31
N ALA A 315 11.54 19.88 -1.63
CA ALA A 315 11.93 18.87 -0.67
C ALA A 315 11.05 18.97 0.55
N PRO A 316 10.62 17.83 1.10
CA PRO A 316 9.89 17.85 2.36
C PRO A 316 10.85 17.96 3.53
N ASP A 317 10.33 18.36 4.69
CA ASP A 317 11.17 18.75 5.83
C ASP A 317 12.20 17.68 6.30
N TYR A 318 11.90 16.40 6.15
CA TYR A 318 12.75 15.35 6.72
C TYR A 318 13.63 14.58 5.73
N THR A 319 13.77 15.07 4.50
CA THR A 319 14.50 14.30 3.50
C THR A 319 16.00 14.49 3.59
N THR A 320 16.70 13.43 3.18
CA THR A 320 18.11 13.46 2.86
C THR A 320 18.24 13.98 1.40
N PRO A 321 19.40 14.56 1.04
CA PRO A 321 19.57 15.02 -0.35
C PRO A 321 19.51 13.93 -1.43
N GLU A 322 19.99 12.73 -1.13
CA GLU A 322 19.92 11.63 -2.08
C GLU A 322 18.50 11.05 -2.19
N MET A 323 17.73 11.11 -1.11
CA MET A 323 16.34 10.70 -1.16
C MET A 323 15.50 11.67 -2.01
N TYR A 324 15.79 12.96 -1.93
CA TYR A 324 15.12 13.93 -2.82
C TYR A 324 15.57 13.77 -4.27
N GLN A 325 16.83 13.44 -4.49
CA GLN A 325 17.32 13.17 -5.84
C GLN A 325 16.60 11.96 -6.43
N THR A 326 16.25 10.98 -5.58
CA THR A 326 15.50 9.79 -5.99
C THR A 326 14.05 10.09 -6.39
N MET A 327 13.39 10.97 -5.65
CA MET A 327 12.07 11.48 -6.07
C MET A 327 12.12 12.07 -7.47
N LEU A 328 13.09 12.95 -7.71
CA LEU A 328 13.19 13.62 -9.01
C LEU A 328 13.45 12.63 -10.16
N ASP A 329 14.32 11.64 -9.95
CA ASP A 329 14.55 10.57 -10.94
C ASP A 329 13.24 9.75 -11.17
N CYS A 330 12.50 9.50 -10.09
CA CYS A 330 11.19 8.84 -10.20
C CYS A 330 10.20 9.72 -10.96
N TRP A 331 10.35 11.03 -10.87
CA TRP A 331 9.51 11.97 -11.61
C TRP A 331 10.10 12.44 -12.94
N HIS A 332 10.83 11.57 -13.65
CA HIS A 332 11.28 11.92 -15.01
C HIS A 332 10.05 12.03 -15.93
N GLY A 333 9.97 13.09 -16.72
CA GLY A 333 8.91 13.24 -17.72
C GLY A 333 8.75 12.03 -18.64
N GLU A 334 9.88 11.46 -19.06
CA GLU A 334 9.91 10.28 -19.92
C GLU A 334 9.90 8.95 -19.11
N PRO A 335 8.80 8.17 -19.19
CA PRO A 335 8.67 6.92 -18.42
C PRO A 335 9.87 5.97 -18.48
N SER A 336 10.49 5.86 -19.65
CA SER A 336 11.57 4.89 -19.87
C SER A 336 12.90 5.36 -19.30
N GLN A 337 12.97 6.62 -18.90
CA GLN A 337 14.15 7.18 -18.24
C GLN A 337 14.02 7.16 -16.71
N ARG A 338 12.82 6.87 -16.21
CA ARG A 338 12.61 6.64 -14.78
C ARG A 338 13.32 5.35 -14.42
N PRO A 339 13.85 5.24 -13.19
CA PRO A 339 14.41 3.96 -12.78
C PRO A 339 13.36 2.84 -12.67
N THR A 340 13.79 1.60 -12.88
CA THR A 340 12.94 0.43 -12.62
C THR A 340 12.94 0.15 -11.14
N PHE A 341 11.95 -0.59 -10.65
CA PHE A 341 11.88 -0.96 -9.24
C PHE A 341 13.05 -1.82 -8.80
N SER A 342 13.57 -2.67 -9.68
CA SER A 342 14.81 -3.37 -9.38
C SER A 342 15.96 -2.38 -9.10
N GLU A 343 16.17 -1.42 -10.00
CA GLU A 343 17.20 -0.38 -9.80
C GLU A 343 16.94 0.42 -8.53
N LEU A 344 15.69 0.71 -8.23
CA LEU A 344 15.33 1.41 -6.98
C LEU A 344 15.66 0.55 -5.75
N VAL A 345 15.53 -0.77 -5.89
CA VAL A 345 15.86 -1.68 -4.82
C VAL A 345 17.37 -1.73 -4.55
N GLU A 346 18.19 -1.88 -5.59
CA GLU A 346 19.65 -1.82 -5.42
C GLU A 346 20.05 -0.51 -4.74
N HIS A 347 19.47 0.60 -5.21
CA HIS A 347 19.88 1.93 -4.79
C HIS A 347 19.45 2.27 -3.37
N LEU A 348 18.22 1.94 -3.00
CA LEU A 348 17.73 2.25 -1.65
C LEU A 348 18.38 1.33 -0.63
N GLY A 349 18.63 0.09 -1.03
CA GLY A 349 19.41 -0.83 -0.18
C GLY A 349 20.79 -0.29 0.18
N ASN A 350 21.43 0.39 -0.77
CA ASN A 350 22.75 1.01 -0.54
C ASN A 350 22.66 2.24 0.36
N LEU A 351 21.69 3.10 0.07
CA LEU A 351 21.36 4.22 0.93
C LEU A 351 21.05 3.74 2.35
N LEU A 352 20.25 2.68 2.45
CA LEU A 352 19.91 2.07 3.75
C LEU A 352 21.16 1.56 4.49
N GLN A 353 22.09 0.98 3.74
CA GLN A 353 23.30 0.43 4.32
C GLN A 353 24.32 1.53 4.67
N ALA A 354 24.33 2.60 3.89
CA ALA A 354 25.23 3.73 4.12
C ALA A 354 24.78 4.57 5.32
N ASN A 355 23.47 4.60 5.56
CA ASN A 355 22.93 5.24 6.77
C ASN A 355 23.49 4.57 8.04
N ALA A 356 23.87 3.30 7.89
CA ALA A 356 24.82 2.63 8.79
C ALA A 356 24.32 2.46 10.23
#